data_7VKL
#
_entry.id   7VKL
#
_cell.length_a   37.982
_cell.length_b   62.710
_cell.length_c   65.687
_cell.angle_alpha   90.000
_cell.angle_beta   90.000
_cell.angle_gamma   90.000
#
_symmetry.space_group_name_H-M   'P 21 21 21'
#
loop_
_entity.id
_entity.type
_entity.pdbx_description
1 polymer 'Insulin-like growth factor 2 mRNA-binding protein 3'
2 polymer 'RNA (8-mer)'
3 water water
#
loop_
_entity_poly.entity_id
_entity_poly.type
_entity_poly.pdbx_seq_one_letter_code
_entity_poly.pdbx_strand_id
1 'polypeptide(L)'
;KPCDLPLRLLVPTQFVGAIIGKEGATIRNITKQTQSKIDVHRKENTGAAEKSITILSTPEGTSAACKSILEIMHKEAQDI
KFTEEIPLKILAHNNFVGRLIGKEGRNLKKIEQDTDTKITISPLQELTLYNPERTITVKGSVETCAKAEEEIMKKIRESY
ENDI
;
A
2 'polyribonucleotide' ACGGACUC B
#
# COMPACT_ATOMS: atom_id res chain seq x y z
N LYS A 1 2.51 -19.56 -10.39
CA LYS A 1 1.36 -19.25 -9.54
C LYS A 1 1.76 -18.25 -8.43
N PRO A 2 2.83 -18.49 -7.67
CA PRO A 2 3.28 -17.48 -6.70
C PRO A 2 3.98 -16.35 -7.43
N CYS A 3 3.62 -15.11 -7.10
CA CYS A 3 4.37 -13.95 -7.53
C CYS A 3 5.24 -13.50 -6.36
N ASP A 4 6.56 -13.46 -6.56
CA ASP A 4 7.49 -13.09 -5.50
C ASP A 4 7.41 -11.62 -5.09
N LEU A 5 6.59 -10.81 -5.75
CA LEU A 5 6.65 -9.36 -5.53
C LEU A 5 5.74 -8.96 -4.37
N PRO A 6 6.28 -8.41 -3.29
CA PRO A 6 5.43 -8.03 -2.16
C PRO A 6 4.72 -6.70 -2.40
N LEU A 7 3.68 -6.48 -1.62
CA LEU A 7 3.11 -5.15 -1.51
C LEU A 7 3.91 -4.35 -0.48
N ARG A 8 4.30 -3.12 -0.83
CA ARG A 8 5.02 -2.26 0.10
C ARG A 8 4.22 -1.00 0.34
N LEU A 9 3.89 -0.73 1.60
CA LEU A 9 3.14 0.46 1.98
C LEU A 9 4.07 1.43 2.69
N LEU A 10 3.72 2.72 2.62
CA LEU A 10 4.33 3.74 3.47
C LEU A 10 3.26 4.26 4.41
N VAL A 11 3.50 4.17 5.71
CA VAL A 11 2.51 4.60 6.69
C VAL A 11 3.18 5.58 7.64
N PRO A 12 2.41 6.45 8.31
CA PRO A 12 3.04 7.38 9.26
C PRO A 12 3.51 6.64 10.50
N THR A 13 4.71 6.98 10.96
CA THR A 13 5.28 6.30 12.11
C THR A 13 4.34 6.30 13.31
N GLN A 14 3.58 7.37 13.48
CA GLN A 14 2.64 7.52 14.60
C GLN A 14 1.71 6.32 14.74
N PHE A 15 1.37 5.66 13.64
CA PHE A 15 0.35 4.63 13.68
C PHE A 15 0.90 3.21 13.71
N VAL A 16 2.24 3.06 13.78
CA VAL A 16 2.80 1.71 13.72
C VAL A 16 2.50 0.95 15.01
N GLY A 17 2.50 1.64 16.15
CA GLY A 17 2.17 0.99 17.41
C GLY A 17 0.79 0.33 17.41
N ALA A 18 -0.20 0.98 16.77
CA ALA A 18 -1.52 0.39 16.66
C ALA A 18 -1.52 -0.81 15.71
N ILE A 19 -0.74 -0.73 14.62
CA ILE A 19 -0.67 -1.84 13.67
C ILE A 19 -0.07 -3.07 14.32
N ILE A 20 1.01 -2.89 15.08
CA ILE A 20 1.69 -4.02 15.70
C ILE A 20 0.93 -4.49 16.92
N GLY A 21 0.56 -3.58 17.81
CA GLY A 21 -0.21 -3.92 18.98
C GLY A 21 0.67 -4.36 20.13
N LYS A 22 0.05 -4.41 21.31
CA LYS A 22 0.79 -4.81 22.50
C LYS A 22 1.33 -6.21 22.32
N GLU A 23 2.63 -6.36 22.51
CA GLU A 23 3.32 -7.64 22.41
C GLU A 23 3.17 -8.27 21.03
N GLY A 24 2.87 -7.48 20.02
CA GLY A 24 2.64 -7.98 18.69
C GLY A 24 1.26 -8.56 18.44
N ALA A 25 0.34 -8.45 19.42
CA ALA A 25 -0.95 -9.14 19.29
C ALA A 25 -1.69 -8.78 18.00
N THR A 26 -1.75 -7.50 17.66
CA THR A 26 -2.53 -7.07 16.48
C THR A 26 -1.93 -7.59 15.19
N ILE A 27 -0.64 -7.36 14.96
CA ILE A 27 -0.04 -7.83 13.72
C ILE A 27 0.01 -9.36 13.68
N ARG A 28 0.20 -10.01 14.84
CA ARG A 28 0.11 -11.47 14.92
C ARG A 28 -1.23 -11.98 14.41
N ASN A 29 -2.33 -11.31 14.78
CA ASN A 29 -3.63 -11.72 14.27
C ASN A 29 -3.75 -11.53 12.77
N ILE A 30 -3.23 -10.42 12.24
CA ILE A 30 -3.36 -10.13 10.82
C ILE A 30 -2.64 -11.20 10.01
N THR A 31 -1.38 -11.47 10.35
CA THR A 31 -0.61 -12.43 9.59
C THR A 31 -1.21 -13.83 9.70
N LYS A 32 -1.82 -14.17 10.83
CA LYS A 32 -2.50 -15.45 10.95
C LYS A 32 -3.75 -15.49 10.08
N GLN A 33 -4.61 -14.47 10.20
CA GLN A 33 -5.88 -14.47 9.48
C GLN A 33 -5.71 -14.38 7.97
N THR A 34 -4.71 -13.64 7.50
CA THR A 34 -4.53 -13.41 6.08
C THR A 34 -3.45 -14.28 5.45
N GLN A 35 -2.80 -15.13 6.25
CA GLN A 35 -1.72 -16.03 5.80
C GLN A 35 -0.64 -15.23 5.06
N SER A 36 -0.13 -14.21 5.75
CA SER A 36 0.81 -13.31 5.15
C SER A 36 2.05 -13.18 6.02
N LYS A 37 3.13 -12.71 5.39
CA LYS A 37 4.37 -12.31 6.05
C LYS A 37 4.48 -10.79 5.97
N ILE A 38 4.49 -10.12 7.12
CA ILE A 38 4.46 -8.65 7.19
C ILE A 38 5.69 -8.16 7.92
N ASP A 39 6.45 -7.28 7.27
CA ASP A 39 7.70 -6.78 7.82
C ASP A 39 7.60 -5.27 8.03
N VAL A 40 7.79 -4.83 9.27
CA VAL A 40 7.91 -3.42 9.63
C VAL A 40 9.32 -3.16 10.15
N HIS A 41 10.00 -2.17 9.59
CA HIS A 41 11.35 -1.84 10.08
C HIS A 41 11.29 -1.01 11.35
N ARG A 42 12.14 -1.38 12.32
CA ARG A 42 12.14 -0.69 13.61
C ARG A 42 12.73 0.72 13.46
N LYS A 43 13.89 0.82 12.81
CA LYS A 43 14.49 2.11 12.47
C LYS A 43 14.48 2.28 10.96
N GLU A 44 14.08 3.48 10.51
CA GLU A 44 14.00 3.76 9.08
C GLU A 44 13.81 5.25 8.81
N ALA A 48 10.41 12.19 5.61
CA ALA A 48 9.11 12.15 6.27
C ALA A 48 9.09 11.13 7.38
N ALA A 49 8.27 11.39 8.41
CA ALA A 49 8.10 10.45 9.52
C ALA A 49 7.14 9.37 9.06
N GLU A 50 7.62 8.56 8.12
CA GLU A 50 6.89 7.42 7.60
C GLU A 50 7.82 6.22 7.63
N LYS A 51 7.21 5.03 7.71
CA LYS A 51 7.91 3.75 7.70
C LYS A 51 7.27 2.83 6.68
N SER A 52 8.09 1.95 6.10
CA SER A 52 7.59 1.05 5.08
C SER A 52 7.09 -0.23 5.75
N ILE A 53 6.06 -0.83 5.15
CA ILE A 53 5.56 -2.14 5.55
C ILE A 53 5.57 -3.01 4.30
N THR A 54 6.21 -4.17 4.40
CA THR A 54 6.31 -5.11 3.28
C THR A 54 5.40 -6.30 3.60
N ILE A 55 4.48 -6.61 2.69
CA ILE A 55 3.48 -7.65 2.89
C ILE A 55 3.65 -8.67 1.77
N LEU A 56 3.93 -9.92 2.15
CA LEU A 56 4.07 -11.03 1.21
C LEU A 56 2.98 -12.05 1.48
N SER A 57 2.19 -12.35 0.46
CA SER A 57 1.04 -13.24 0.58
C SER A 57 0.51 -13.49 -0.83
N THR A 58 -0.56 -14.27 -0.91
CA THR A 58 -1.35 -14.35 -2.14
C THR A 58 -1.96 -12.98 -2.42
N PRO A 59 -2.43 -12.73 -3.66
CA PRO A 59 -3.14 -11.47 -3.92
C PRO A 59 -4.26 -11.22 -2.91
N GLU A 60 -5.08 -12.22 -2.63
CA GLU A 60 -6.21 -12.02 -1.71
C GLU A 60 -5.73 -11.79 -0.27
N GLY A 61 -4.72 -12.52 0.18
CA GLY A 61 -4.25 -12.31 1.54
C GLY A 61 -3.56 -10.97 1.69
N THR A 62 -2.91 -10.53 0.62
CA THR A 62 -2.24 -9.23 0.61
C THR A 62 -3.26 -8.10 0.72
N SER A 63 -4.35 -8.19 -0.05
CA SER A 63 -5.39 -7.15 0.03
C SER A 63 -6.08 -7.15 1.39
N ALA A 64 -6.30 -8.33 1.96
CA ALA A 64 -6.93 -8.43 3.28
C ALA A 64 -6.06 -7.80 4.35
N ALA A 65 -4.77 -8.12 4.35
CA ALA A 65 -3.83 -7.51 5.31
C ALA A 65 -3.73 -6.00 5.13
N CYS A 66 -3.66 -5.52 3.88
CA CYS A 66 -3.69 -4.07 3.63
C CYS A 66 -4.96 -3.45 4.20
N LYS A 67 -6.12 -4.08 3.95
CA LYS A 67 -7.36 -3.51 4.44
C LYS A 67 -7.38 -3.46 5.97
N SER A 68 -6.88 -4.51 6.64
CA SER A 68 -6.81 -4.46 8.09
C SER A 68 -5.94 -3.31 8.57
N ILE A 69 -4.79 -3.11 7.93
CA ILE A 69 -3.90 -2.01 8.33
C ILE A 69 -4.57 -0.66 8.13
N LEU A 70 -5.29 -0.49 7.01
CA LEU A 70 -6.02 0.76 6.81
C LEU A 70 -7.11 0.96 7.87
N GLU A 71 -7.83 -0.10 8.22
CA GLU A 71 -8.86 0.01 9.26
C GLU A 71 -8.25 0.39 10.60
N ILE A 72 -7.14 -0.25 10.97
CA ILE A 72 -6.48 -0.01 12.25
C ILE A 72 -6.01 1.44 12.33
N MET A 73 -5.45 1.94 11.24
CA MET A 73 -4.88 3.28 11.19
C MET A 73 -5.99 4.33 11.29
N HIS A 74 -7.11 4.10 10.60
CA HIS A 74 -8.25 5.01 10.67
C HIS A 74 -8.85 5.05 12.08
N LYS A 75 -9.00 3.88 12.72
CA LYS A 75 -9.45 3.83 14.11
C LYS A 75 -8.52 4.62 15.03
N GLU A 76 -7.20 4.43 14.89
CA GLU A 76 -6.28 5.13 15.78
C GLU A 76 -6.32 6.64 15.54
N ALA A 77 -6.45 7.07 14.27
CA ALA A 77 -6.60 8.49 13.99
C ALA A 77 -7.82 9.06 14.70
N GLN A 78 -8.95 8.37 14.59
CA GLN A 78 -10.15 8.77 15.34
C GLN A 78 -9.88 8.76 16.84
N ASP A 79 -9.16 7.74 17.34
CA ASP A 79 -8.93 7.61 18.77
C ASP A 79 -8.09 8.78 19.32
N ILE A 80 -7.13 9.28 18.54
CA ILE A 80 -6.27 10.34 19.06
C ILE A 80 -6.64 11.70 18.48
N LYS A 81 -7.81 11.82 17.87
CA LYS A 81 -8.29 13.09 17.33
C LYS A 81 -7.31 13.66 16.31
N PHE A 82 -6.71 12.76 15.54
CA PHE A 82 -5.91 13.11 14.37
C PHE A 82 -6.88 13.43 13.25
N THR A 83 -6.94 14.70 12.86
CA THR A 83 -7.98 15.20 11.97
C THR A 83 -7.58 15.19 10.50
N GLU A 84 -6.30 15.01 10.20
CA GLU A 84 -5.79 15.09 8.84
C GLU A 84 -5.99 13.77 8.12
N GLU A 85 -6.20 13.85 6.81
CA GLU A 85 -6.41 12.66 6.01
C GLU A 85 -5.15 11.78 6.04
N ILE A 86 -5.36 10.47 5.94
CA ILE A 86 -4.23 9.55 5.84
C ILE A 86 -4.36 8.78 4.53
N PRO A 87 -3.76 9.26 3.44
CA PRO A 87 -3.84 8.51 2.18
C PRO A 87 -3.13 7.18 2.30
N LEU A 88 -3.58 6.24 1.48
CA LEU A 88 -2.84 5.00 1.26
C LEU A 88 -1.66 5.31 0.35
N LYS A 89 -0.49 4.80 0.69
CA LYS A 89 0.70 5.04 -0.13
C LYS A 89 1.34 3.70 -0.45
N ILE A 90 1.44 3.38 -1.74
CA ILE A 90 2.02 2.14 -2.21
C ILE A 90 3.36 2.48 -2.87
N LEU A 91 4.41 1.74 -2.51
CA LEU A 91 5.71 1.86 -3.19
C LEU A 91 5.81 0.80 -4.28
N ALA A 92 6.28 1.21 -5.46
CA ALA A 92 6.45 0.29 -6.58
C ALA A 92 7.66 0.69 -7.40
N HIS A 93 8.45 -0.32 -7.77
CA HIS A 93 9.63 -0.10 -8.56
C HIS A 93 9.27 0.57 -9.88
N ASN A 94 10.08 1.54 -10.28
CA ASN A 94 9.87 2.27 -11.52
C ASN A 94 9.67 1.36 -12.72
N ASN A 95 10.33 0.19 -12.74
CA ASN A 95 10.22 -0.69 -13.89
C ASN A 95 8.83 -1.27 -14.06
N PHE A 96 7.94 -1.09 -13.10
CA PHE A 96 6.69 -1.84 -13.10
C PHE A 96 5.48 -0.93 -12.98
N VAL A 97 5.59 0.34 -13.38
CA VAL A 97 4.50 1.29 -13.22
C VAL A 97 3.89 1.73 -14.54
N GLY A 98 4.55 1.51 -15.67
CA GLY A 98 4.01 1.98 -16.94
C GLY A 98 2.72 1.28 -17.28
N ARG A 99 2.56 0.04 -16.83
CA ARG A 99 1.34 -0.71 -17.09
C ARG A 99 0.20 -0.22 -16.22
N LEU A 100 0.52 0.11 -14.97
CA LEU A 100 -0.44 0.73 -14.07
C LEU A 100 -0.98 2.04 -14.64
N ILE A 101 -0.08 2.88 -15.17
CA ILE A 101 -0.52 4.18 -15.68
C ILE A 101 -1.25 4.01 -17.01
N GLY A 102 -0.65 3.26 -17.92
CA GLY A 102 -1.25 3.00 -19.21
C GLY A 102 -1.08 4.17 -20.17
N LYS A 103 -1.27 3.87 -21.45
CA LYS A 103 -1.28 4.92 -22.47
C LYS A 103 -2.16 6.07 -22.04
N GLU A 104 -1.59 7.28 -21.98
CA GLU A 104 -2.35 8.50 -21.69
C GLU A 104 -2.96 8.48 -20.29
N GLY A 105 -2.36 7.72 -19.38
CA GLY A 105 -2.95 7.59 -18.06
C GLY A 105 -4.25 6.81 -18.03
N ARG A 106 -4.59 6.15 -19.13
CA ARG A 106 -5.90 5.51 -19.31
C ARG A 106 -6.17 4.47 -18.23
N ASN A 107 -5.19 3.64 -17.92
CA ASN A 107 -5.37 2.58 -16.93
C ASN A 107 -5.51 3.18 -15.53
N LEU A 108 -4.69 4.18 -15.21
CA LEU A 108 -4.81 4.88 -13.92
C LEU A 108 -6.19 5.51 -13.76
N LYS A 109 -6.66 6.24 -14.76
CA LYS A 109 -7.95 6.90 -14.63
C LYS A 109 -9.07 5.90 -14.50
N LYS A 110 -8.94 4.74 -15.16
CA LYS A 110 -9.98 3.73 -15.05
C LYS A 110 -10.07 3.20 -13.63
N ILE A 111 -8.90 2.97 -13.00
CA ILE A 111 -8.91 2.56 -11.60
C ILE A 111 -9.52 3.64 -10.73
N GLU A 112 -9.20 4.91 -11.00
CA GLU A 112 -9.81 6.00 -10.23
C GLU A 112 -11.33 5.95 -10.35
N GLN A 113 -11.84 5.82 -11.57
CA GLN A 113 -13.28 5.83 -11.75
C GLN A 113 -13.94 4.57 -11.17
N ASP A 114 -13.28 3.43 -11.31
CA ASP A 114 -13.84 2.17 -10.80
C ASP A 114 -13.84 2.13 -9.28
N THR A 115 -12.86 2.75 -8.62
CA THR A 115 -12.77 2.64 -7.17
C THR A 115 -13.21 3.89 -6.45
N ASP A 116 -13.42 5.00 -7.16
CA ASP A 116 -13.71 6.30 -6.56
C ASP A 116 -12.59 6.73 -5.60
N THR A 117 -11.40 6.85 -6.17
CA THR A 117 -10.24 7.39 -5.46
C THR A 117 -9.56 8.41 -6.37
N LYS A 118 -8.63 9.16 -5.77
CA LYS A 118 -7.75 10.04 -6.53
C LYS A 118 -6.35 9.50 -6.37
N ILE A 119 -5.72 9.11 -7.47
CA ILE A 119 -4.44 8.42 -7.42
C ILE A 119 -3.41 9.24 -8.17
N THR A 120 -2.30 9.51 -7.53
CA THR A 120 -1.18 10.22 -8.15
C THR A 120 0.11 9.46 -7.87
N ILE A 121 1.04 9.55 -8.82
CA ILE A 121 2.33 8.88 -8.74
C ILE A 121 3.41 9.95 -8.58
N SER A 122 4.41 9.67 -7.76
CA SER A 122 5.48 10.63 -7.55
C SER A 122 6.23 10.87 -8.86
N PRO A 123 6.78 12.07 -9.06
CA PRO A 123 7.45 12.33 -10.33
C PRO A 123 8.70 11.49 -10.48
N LEU A 124 8.97 11.08 -11.71
CA LEU A 124 10.14 10.26 -12.03
C LEU A 124 11.44 10.90 -11.52
N GLN A 125 11.54 12.23 -11.59
CA GLN A 125 12.81 12.85 -11.24
C GLN A 125 13.00 13.00 -9.73
N GLU A 126 12.06 12.50 -8.90
CA GLU A 126 12.30 12.37 -7.47
C GLU A 126 12.96 11.06 -7.07
N LEU A 127 12.97 10.07 -7.97
CA LEU A 127 13.77 8.88 -7.74
C LEU A 127 15.23 9.28 -7.49
N THR A 128 15.96 8.37 -6.88
CA THR A 128 17.40 8.54 -6.71
C THR A 128 18.12 7.31 -7.23
N LEU A 129 19.44 7.42 -7.36
CA LEU A 129 20.26 6.33 -7.88
C LEU A 129 19.88 5.02 -7.22
N TYR A 130 19.73 5.04 -5.90
CA TYR A 130 19.54 3.84 -5.10
C TYR A 130 18.18 3.77 -4.44
N ASN A 131 17.21 4.59 -4.86
CA ASN A 131 15.82 4.34 -4.52
C ASN A 131 15.02 4.39 -5.80
N PRO A 132 14.77 3.23 -6.41
CA PRO A 132 13.98 3.17 -7.65
C PRO A 132 12.47 3.14 -7.45
N GLU A 133 12.00 3.24 -6.20
CA GLU A 133 10.58 3.05 -5.90
C GLU A 133 9.84 4.37 -6.04
N ARG A 134 8.82 4.38 -6.91
CA ARG A 134 7.86 5.46 -7.00
C ARG A 134 6.84 5.33 -5.88
N THR A 135 6.27 6.46 -5.46
CA THR A 135 5.22 6.46 -4.45
C THR A 135 3.88 6.70 -5.13
N ILE A 136 2.96 5.76 -4.95
CA ILE A 136 1.60 5.86 -5.47
C ILE A 136 0.71 6.30 -4.31
N THR A 137 0.14 7.50 -4.38
CA THR A 137 -0.70 8.04 -3.31
C THR A 137 -2.17 7.90 -3.69
N VAL A 138 -2.94 7.26 -2.83
CA VAL A 138 -4.34 6.89 -3.10
C VAL A 138 -5.22 7.55 -2.06
N LYS A 139 -6.04 8.50 -2.48
CA LYS A 139 -6.89 9.22 -1.54
C LYS A 139 -8.31 8.68 -1.65
N GLY A 140 -8.88 8.33 -0.51
CA GLY A 140 -10.26 7.87 -0.48
C GLY A 140 -10.61 7.42 0.92
N SER A 141 -11.69 6.66 1.02
CA SER A 141 -12.05 6.03 2.28
C SER A 141 -11.27 4.73 2.45
N VAL A 142 -11.37 4.15 3.66
CA VAL A 142 -10.76 2.84 3.92
C VAL A 142 -11.22 1.83 2.87
N GLU A 143 -12.52 1.82 2.60
CA GLU A 143 -13.08 0.87 1.65
C GLU A 143 -12.65 1.15 0.22
N THR A 144 -12.67 2.42 -0.20
CA THR A 144 -12.28 2.68 -1.59
C THR A 144 -10.77 2.53 -1.78
N CYS A 145 -9.96 2.95 -0.80
CA CYS A 145 -8.52 2.74 -0.89
C CYS A 145 -8.19 1.25 -0.98
N ALA A 146 -8.91 0.41 -0.23
CA ALA A 146 -8.61 -1.01 -0.28
C ALA A 146 -8.89 -1.59 -1.67
N LYS A 147 -9.99 -1.19 -2.29
CA LYS A 147 -10.31 -1.65 -3.64
C LYS A 147 -9.26 -1.15 -4.65
N ALA A 148 -8.81 0.09 -4.48
CA ALA A 148 -7.76 0.61 -5.36
C ALA A 148 -6.46 -0.17 -5.20
N GLU A 149 -6.13 -0.56 -3.98
CA GLU A 149 -4.94 -1.41 -3.81
C GLU A 149 -5.06 -2.69 -4.63
N GLU A 150 -6.22 -3.33 -4.59
CA GLU A 150 -6.42 -4.58 -5.35
C GLU A 150 -6.12 -4.35 -6.83
N GLU A 151 -6.65 -3.25 -7.39
CA GLU A 151 -6.52 -2.99 -8.83
C GLU A 151 -5.11 -2.52 -9.18
N ILE A 152 -4.51 -1.70 -8.32
CA ILE A 152 -3.15 -1.25 -8.56
C ILE A 152 -2.20 -2.44 -8.60
N MET A 153 -2.28 -3.30 -7.58
CA MET A 153 -1.31 -4.38 -7.50
C MET A 153 -1.53 -5.41 -8.58
N LYS A 154 -2.75 -5.58 -9.07
CA LYS A 154 -2.95 -6.44 -10.24
C LYS A 154 -2.09 -5.96 -11.40
N LYS A 155 -2.07 -4.65 -11.63
CA LYS A 155 -1.31 -4.10 -12.76
C LYS A 155 0.19 -4.19 -12.52
N ILE A 156 0.62 -3.93 -11.28
CA ILE A 156 2.03 -4.08 -10.92
C ILE A 156 2.48 -5.51 -11.14
N ARG A 157 1.71 -6.47 -10.62
CA ARG A 157 2.09 -7.87 -10.81
C ARG A 157 2.11 -8.25 -12.30
N GLU A 158 1.12 -7.78 -13.06
CA GLU A 158 1.10 -8.07 -14.49
C GLU A 158 2.39 -7.62 -15.17
N SER A 159 2.86 -6.42 -14.83
CA SER A 159 4.14 -5.93 -15.36
C SER A 159 5.31 -6.77 -14.85
N TYR A 160 5.35 -7.05 -13.55
CA TYR A 160 6.43 -7.87 -13.00
C TYR A 160 6.55 -9.18 -13.76
N GLU A 161 5.42 -9.86 -13.96
CA GLU A 161 5.42 -11.23 -14.46
C GLU A 161 5.65 -11.30 -15.96
N ASN A 162 5.46 -10.19 -16.67
CA ASN A 162 5.83 -10.08 -18.07
C ASN A 162 7.10 -9.25 -18.21
N ASP A 163 6.96 -7.92 -18.30
CA ASP A 163 8.07 -6.96 -18.46
C ASP A 163 9.42 -7.45 -17.88
#